data_6QHM
#
_entry.id   6QHM
#
_cell.length_a   82.500
_cell.length_b   111.940
_cell.length_c   62.570
_cell.angle_alpha   90.00
_cell.angle_beta   90.00
_cell.angle_gamma   90.00
#
_symmetry.space_group_name_H-M   'C 2 2 21'
#
loop_
_entity.id
_entity.type
_entity.pdbx_description
1 polymer '14-3-3 protein sigma'
2 polymer LEU-SEP-GLU
3 water water
#
loop_
_entity_poly.entity_id
_entity_poly.type
_entity_poly.pdbx_seq_one_letter_code
_entity_poly.pdbx_strand_id
1 'polypeptide(L)'
;GAMGSMERASLIQKAKLAEQAERYEDMAAFMKGAVEKGEELS(CSO)EERNLLSVAYKNVVGGQRAAWRVLSSIEQKSNE
EGSEEKGPEVREYREKVETELQGVCDTVLGLLDSHLIKEAGDAESRVFYLKMKGDYYRYLAEVATGDDKKRIIDSARSAY
QEAMDISKKEMPPTNPIRLGLALNFSVFHYEIANSPEEAISLAKTTFDEAMADLHTLSEDSYKDSTLIMQLLRDNLTLWT
ADNAGEEGGEAPQEPQS
;
A
2 'polypeptide(L)' PSDREL(SEP)EPMEFQ P
#
# COMPACT_ATOMS: atom_id res chain seq x y z
N GLY A 1 17.23 12.59 -13.60
CA GLY A 1 16.97 12.33 -12.16
C GLY A 1 18.20 12.62 -11.34
N ALA A 2 18.00 13.15 -10.14
CA ALA A 2 19.12 13.52 -9.28
C ALA A 2 19.92 12.32 -8.83
N MET A 3 19.36 11.12 -8.89
CA MET A 3 20.10 9.91 -8.55
C MET A 3 20.77 9.25 -9.75
N GLY A 4 20.69 9.86 -10.94
CA GLY A 4 21.19 9.22 -12.14
C GLY A 4 22.69 8.99 -12.13
N SER A 5 23.44 9.81 -11.40
CA SER A 5 24.88 9.66 -11.34
C SER A 5 25.36 8.70 -10.26
N MET A 6 24.49 8.17 -9.42
CA MET A 6 24.90 7.31 -8.32
C MET A 6 24.75 5.84 -8.70
N GLU A 7 25.74 5.04 -8.33
CA GLU A 7 25.70 3.61 -8.60
C GLU A 7 24.46 2.98 -7.98
N ARG A 8 23.91 1.98 -8.67
CA ARG A 8 22.79 1.22 -8.14
C ARG A 8 23.09 0.68 -6.74
N ALA A 9 24.26 0.06 -6.56
CA ALA A 9 24.56 -0.53 -5.27
C ALA A 9 24.67 0.52 -4.18
N SER A 10 25.20 1.69 -4.52
CA SER A 10 25.30 2.78 -3.56
C SER A 10 23.93 3.31 -3.15
N LEU A 11 23.00 3.38 -4.11
CA LEU A 11 21.64 3.79 -3.80
C LEU A 11 20.98 2.80 -2.84
N ILE A 12 21.18 1.50 -3.06
CA ILE A 12 20.62 0.51 -2.15
C ILE A 12 21.26 0.62 -0.77
N GLN A 13 22.57 0.78 -0.73
CA GLN A 13 23.26 0.94 0.55
C GLN A 13 22.74 2.15 1.32
N LYS A 14 22.57 3.27 0.61
CA LYS A 14 22.07 4.48 1.25
C LYS A 14 20.60 4.36 1.65
N ALA A 15 19.80 3.62 0.89
CA ALA A 15 18.42 3.36 1.31
C ALA A 15 18.40 2.65 2.67
N LYS A 16 19.30 1.67 2.86
CA LYS A 16 19.36 0.97 4.13
C LYS A 16 19.83 1.89 5.25
N LEU A 17 20.79 2.78 4.99
CA LEU A 17 21.21 3.77 5.99
C LEU A 17 20.05 4.71 6.32
N ALA A 18 19.34 5.17 5.30
CA ALA A 18 18.22 6.08 5.53
C ALA A 18 17.15 5.40 6.39
N GLU A 19 16.91 4.13 6.16
CA GLU A 19 15.96 3.40 7.01
C GLU A 19 16.41 3.42 8.46
N GLN A 20 17.70 3.13 8.70
CA GLN A 20 18.22 3.11 10.07
C GLN A 20 18.08 4.47 10.73
N ALA A 21 18.24 5.54 9.95
CA ALA A 21 18.14 6.91 10.42
C ALA A 21 16.71 7.44 10.43
N GLU A 22 15.74 6.61 10.05
CA GLU A 22 14.32 7.02 9.95
C GLU A 22 14.13 8.21 9.03
N ARG A 23 14.91 8.24 7.95
CA ARG A 23 14.83 9.28 6.93
C ARG A 23 14.11 8.69 5.72
N TYR A 24 12.78 8.58 5.83
CA TYR A 24 12.04 7.80 4.85
C TYR A 24 11.90 8.52 3.50
N GLU A 25 11.84 9.84 3.50
N GLU A 25 11.84 9.84 3.50
CA GLU A 25 11.83 10.56 2.22
CA GLU A 25 11.82 10.55 2.22
C GLU A 25 13.11 10.29 1.46
C GLU A 25 13.11 10.30 1.45
N ASP A 26 14.26 10.37 2.15
CA ASP A 26 15.52 10.04 1.51
C ASP A 26 15.51 8.59 1.04
N MET A 27 15.03 7.68 1.89
CA MET A 27 14.98 6.26 1.54
C MET A 27 14.21 6.06 0.25
N ALA A 28 13.06 6.72 0.14
CA ALA A 28 12.24 6.59 -1.05
C ALA A 28 12.93 7.14 -2.28
N ALA A 29 13.61 8.29 -2.14
CA ALA A 29 14.33 8.86 -3.27
C ALA A 29 15.46 7.95 -3.72
N PHE A 30 16.17 7.33 -2.79
CA PHE A 30 17.23 6.40 -3.16
C PHE A 30 16.67 5.18 -3.89
N MET A 31 15.54 4.65 -3.40
CA MET A 31 14.94 3.48 -4.02
C MET A 31 14.34 3.82 -5.38
N LYS A 32 13.77 5.01 -5.54
CA LYS A 32 13.32 5.45 -6.87
C LYS A 32 14.49 5.47 -7.84
N GLY A 33 15.62 6.05 -7.41
CA GLY A 33 16.83 6.03 -8.22
C GLY A 33 17.25 4.62 -8.59
N ALA A 34 17.19 3.70 -7.65
CA ALA A 34 17.57 2.33 -7.92
C ALA A 34 16.63 1.70 -8.95
N VAL A 35 15.32 1.89 -8.80
CA VAL A 35 14.38 1.35 -9.77
C VAL A 35 14.69 1.90 -11.16
N GLU A 36 14.98 3.19 -11.24
CA GLU A 36 15.18 3.83 -12.53
C GLU A 36 16.48 3.40 -13.22
N LYS A 37 17.32 2.62 -12.56
CA LYS A 37 18.45 2.00 -13.26
C LYS A 37 17.99 0.97 -14.27
N GLY A 38 16.76 0.47 -14.15
CA GLY A 38 16.17 -0.37 -15.16
C GLY A 38 16.29 -1.85 -14.92
N GLU A 39 17.03 -2.28 -13.90
N GLU A 39 17.04 -2.28 -13.90
CA GLU A 39 17.14 -3.69 -13.58
CA GLU A 39 17.15 -3.68 -13.57
C GLU A 39 16.00 -4.08 -12.65
C GLU A 39 16.02 -4.09 -12.63
N GLU A 40 15.65 -5.36 -12.70
CA GLU A 40 14.66 -5.89 -11.77
C GLU A 40 15.19 -5.77 -10.34
N LEU A 41 14.27 -5.84 -9.38
CA LEU A 41 14.60 -5.74 -7.97
C LEU A 41 14.54 -7.12 -7.33
N SER A 42 15.50 -7.38 -6.46
CA SER A 42 15.47 -8.57 -5.63
C SER A 42 14.36 -8.46 -4.57
N GLU A 44 14.69 -8.44 -1.33
CA GLU A 44 15.08 -7.46 -0.34
C GLU A 44 14.87 -6.03 -0.84
N GLU A 45 15.23 -5.80 -2.11
CA GLU A 45 15.10 -4.47 -2.70
C GLU A 45 13.63 -4.07 -2.85
N ARG A 46 12.76 -5.00 -3.23
CA ARG A 46 11.33 -4.72 -3.30
C ARG A 46 10.81 -4.29 -1.94
N ASN A 47 11.27 -4.96 -0.90
CA ASN A 47 10.82 -4.60 0.44
C ASN A 47 11.32 -3.24 0.87
N LEU A 48 12.56 -2.86 0.49
CA LEU A 48 13.03 -1.51 0.78
C LEU A 48 12.18 -0.47 0.07
N LEU A 49 11.84 -0.72 -1.19
CA LEU A 49 10.99 0.21 -1.94
C LEU A 49 9.64 0.40 -1.24
N SER A 50 9.03 -0.71 -0.83
CA SER A 50 7.73 -0.65 -0.19
C SER A 50 7.79 0.04 1.16
N VAL A 51 8.77 -0.32 1.99
CA VAL A 51 8.88 0.31 3.30
C VAL A 51 9.05 1.82 3.17
N ALA A 52 9.88 2.26 2.22
CA ALA A 52 10.15 3.68 2.09
C ALA A 52 8.88 4.45 1.77
N TYR A 53 8.18 4.02 0.72
CA TYR A 53 7.00 4.77 0.29
C TYR A 53 5.84 4.59 1.25
N LYS A 54 5.72 3.43 1.90
CA LYS A 54 4.64 3.27 2.87
C LYS A 54 4.79 4.25 4.02
N ASN A 55 6.03 4.47 4.46
CA ASN A 55 6.27 5.42 5.53
C ASN A 55 6.00 6.86 5.06
N VAL A 56 6.46 7.21 3.86
CA VAL A 56 6.22 8.57 3.36
C VAL A 56 4.72 8.82 3.24
N VAL A 57 4.02 7.93 2.55
N VAL A 57 4.02 7.95 2.51
CA VAL A 57 2.60 8.16 2.31
CA VAL A 57 2.59 8.19 2.33
C VAL A 57 1.82 8.01 3.61
C VAL A 57 1.84 8.06 3.64
N GLY A 58 2.31 7.19 4.54
CA GLY A 58 1.62 7.04 5.81
C GLY A 58 1.59 8.33 6.59
N GLY A 59 2.71 9.06 6.60
CA GLY A 59 2.73 10.36 7.26
C GLY A 59 1.80 11.35 6.59
N GLN A 60 1.77 11.34 5.25
CA GLN A 60 0.87 12.23 4.53
C GLN A 60 -0.59 11.89 4.80
N ARG A 61 -0.94 10.61 4.79
CA ARG A 61 -2.31 10.19 5.08
C ARG A 61 -2.72 10.62 6.48
N ALA A 62 -1.84 10.45 7.46
CA ALA A 62 -2.19 10.82 8.83
C ALA A 62 -2.42 12.33 8.92
N ALA A 63 -1.57 13.11 8.26
CA ALA A 63 -1.75 14.56 8.25
C ALA A 63 -3.04 14.95 7.53
N TRP A 64 -3.30 14.34 6.38
CA TRP A 64 -4.53 14.60 5.65
C TRP A 64 -5.76 14.33 6.50
N ARG A 65 -5.74 13.24 7.27
N ARG A 65 -5.75 13.24 7.26
CA ARG A 65 -6.88 12.90 8.11
CA ARG A 65 -6.92 12.94 8.08
C ARG A 65 -7.10 13.96 9.19
C ARG A 65 -7.10 13.99 9.17
N VAL A 66 -6.02 14.45 9.79
CA VAL A 66 -6.13 15.51 10.80
C VAL A 66 -6.79 16.74 10.18
N LEU A 67 -6.29 17.16 9.02
CA LEU A 67 -6.75 18.39 8.40
C LEU A 67 -8.17 18.24 7.88
N SER A 68 -8.48 17.07 7.31
N SER A 68 -8.49 17.08 7.32
CA SER A 68 -9.85 16.82 6.83
CA SER A 68 -9.86 16.86 6.84
C SER A 68 -10.85 16.86 7.99
C SER A 68 -10.84 16.89 8.00
N SER A 69 -10.46 16.34 9.15
CA SER A 69 -11.34 16.38 10.31
C SER A 69 -11.59 17.82 10.76
N ILE A 70 -10.54 18.64 10.78
CA ILE A 70 -10.70 20.06 11.13
C ILE A 70 -11.60 20.75 10.13
N GLU A 71 -11.41 20.45 8.85
CA GLU A 71 -12.20 21.07 7.79
C GLU A 71 -13.67 20.68 7.92
N GLN A 72 -13.94 19.41 8.22
CA GLN A 72 -15.31 18.97 8.36
C GLN A 72 -15.98 19.63 9.57
N LYS A 73 -15.27 19.80 10.66
CA LYS A 73 -15.83 20.46 11.86
C LYS A 73 -16.11 21.91 11.51
N SER A 74 -15.28 22.56 10.70
CA SER A 74 -15.48 23.96 10.24
C SER A 74 -16.77 24.12 9.45
N ASN A 75 -17.26 23.11 8.76
CA ASN A 75 -18.48 23.23 7.96
C ASN A 75 -19.66 22.70 8.75
N GLU A 76 -19.61 22.58 10.08
CA GLU A 76 -20.74 22.05 10.89
C GLU A 76 -21.61 23.28 11.33
N GLU A 77 -22.89 23.08 11.64
CA GLU A 77 -23.77 24.25 11.97
C GLU A 77 -23.18 24.99 13.21
N GLY A 78 -23.21 26.33 13.22
CA GLY A 78 -22.66 27.11 14.29
C GLY A 78 -21.12 27.30 14.41
N SER A 79 -20.32 26.84 13.42
CA SER A 79 -18.82 26.98 13.46
C SER A 79 -18.51 28.32 12.85
N GLU A 80 -17.57 29.05 13.41
CA GLU A 80 -17.19 30.35 12.87
C GLU A 80 -16.48 30.20 11.53
N GLU A 81 -16.69 31.17 10.66
CA GLU A 81 -15.97 31.24 9.39
C GLU A 81 -14.53 31.64 9.65
N LYS A 82 -13.60 30.74 9.35
CA LYS A 82 -12.18 31.00 9.56
C LYS A 82 -11.44 31.31 8.26
N GLY A 83 -12.15 31.38 7.14
CA GLY A 83 -11.53 31.66 5.87
C GLY A 83 -11.09 30.41 5.14
N PRO A 84 -10.31 30.59 4.07
CA PRO A 84 -9.97 29.47 3.18
C PRO A 84 -8.77 28.65 3.66
N GLU A 85 -8.14 29.00 4.77
CA GLU A 85 -6.83 28.44 5.10
C GLU A 85 -6.87 26.93 5.35
N VAL A 86 -7.88 26.43 6.06
CA VAL A 86 -7.92 24.99 6.34
C VAL A 86 -8.06 24.21 5.05
N ARG A 87 -8.98 24.63 4.18
CA ARG A 87 -9.13 23.97 2.89
C ARG A 87 -7.83 24.05 2.09
N GLU A 88 -7.21 25.23 2.05
CA GLU A 88 -5.99 25.38 1.26
C GLU A 88 -4.91 24.43 1.73
N TYR A 89 -4.73 24.33 3.05
CA TYR A 89 -3.64 23.52 3.57
C TYR A 89 -3.96 22.03 3.42
N ARG A 90 -5.22 21.64 3.63
CA ARG A 90 -5.62 20.28 3.33
C ARG A 90 -5.36 19.94 1.86
N GLU A 91 -5.68 20.87 0.95
CA GLU A 91 -5.42 20.66 -0.47
C GLU A 91 -3.93 20.53 -0.75
N LYS A 92 -3.10 21.31 -0.05
CA LYS A 92 -1.65 21.21 -0.24
C LYS A 92 -1.15 19.83 0.12
N VAL A 93 -1.53 19.35 1.29
CA VAL A 93 -1.11 18.02 1.72
C VAL A 93 -1.66 16.97 0.77
N GLU A 94 -2.92 17.14 0.36
CA GLU A 94 -3.55 16.20 -0.55
C GLU A 94 -2.79 16.10 -1.86
N THR A 95 -2.40 17.26 -2.42
CA THR A 95 -1.71 17.25 -3.69
C THR A 95 -0.35 16.58 -3.55
N GLU A 96 0.34 16.81 -2.42
N GLU A 96 0.33 16.79 -2.42
CA GLU A 96 1.61 16.14 -2.18
CA GLU A 96 1.62 16.12 -2.22
C GLU A 96 1.41 14.64 -2.11
C GLU A 96 1.44 14.62 -2.08
N LEU A 97 0.39 14.20 -1.37
CA LEU A 97 0.08 12.77 -1.25
C LEU A 97 -0.21 12.16 -2.62
N GLN A 98 -1.04 12.83 -3.41
CA GLN A 98 -1.33 12.33 -4.75
C GLN A 98 -0.07 12.23 -5.58
N GLY A 99 0.84 13.20 -5.42
CA GLY A 99 2.07 13.16 -6.18
C GLY A 99 2.93 11.96 -5.83
N VAL A 100 3.01 11.61 -4.55
CA VAL A 100 3.76 10.43 -4.16
C VAL A 100 3.10 9.17 -4.72
N CYS A 101 1.78 9.07 -4.61
CA CYS A 101 1.08 7.92 -5.19
C CYS A 101 1.34 7.83 -6.68
N ASP A 102 1.26 8.96 -7.39
CA ASP A 102 1.52 8.94 -8.83
C ASP A 102 2.94 8.50 -9.12
N THR A 103 3.89 8.90 -8.27
CA THR A 103 5.28 8.49 -8.46
C THR A 103 5.41 6.98 -8.34
N VAL A 104 4.83 6.40 -7.29
CA VAL A 104 4.92 4.95 -7.10
C VAL A 104 4.24 4.23 -8.26
N LEU A 105 3.01 4.67 -8.61
CA LEU A 105 2.32 4.03 -9.71
C LEU A 105 3.12 4.14 -11.00
N GLY A 106 3.81 5.26 -11.19
CA GLY A 106 4.66 5.42 -12.37
C GLY A 106 5.82 4.45 -12.41
N LEU A 107 6.45 4.19 -11.25
CA LEU A 107 7.52 3.20 -11.21
C LEU A 107 6.98 1.82 -11.54
N LEU A 108 5.80 1.50 -11.01
CA LEU A 108 5.21 0.19 -11.26
C LEU A 108 4.89 0.02 -12.74
N ASP A 109 4.40 1.09 -13.38
N ASP A 109 4.38 1.07 -13.38
CA ASP A 109 4.03 1.03 -14.79
CA ASP A 109 4.02 0.97 -14.79
C ASP A 109 5.25 1.09 -15.70
C ASP A 109 5.18 1.25 -15.75
N SER A 110 6.35 1.68 -15.24
CA SER A 110 7.52 1.96 -16.10
C SER A 110 8.77 1.61 -15.30
N HIS A 111 9.10 0.30 -15.20
CA HIS A 111 8.50 -0.84 -15.90
C HIS A 111 8.50 -2.07 -14.99
N LEU A 112 8.28 -1.86 -13.68
CA LEU A 112 8.43 -2.98 -12.76
C LEU A 112 7.45 -4.11 -13.04
N ILE A 113 6.17 -3.77 -13.24
CA ILE A 113 5.18 -4.84 -13.38
C ILE A 113 5.44 -5.66 -14.64
N LYS A 114 5.69 -4.98 -15.76
CA LYS A 114 5.78 -5.73 -17.02
C LYS A 114 7.00 -6.66 -17.06
N GLU A 115 8.04 -6.41 -16.28
N GLU A 115 8.02 -6.38 -16.26
CA GLU A 115 9.17 -7.33 -16.29
CA GLU A 115 9.23 -7.19 -16.18
C GLU A 115 9.07 -8.40 -15.22
C GLU A 115 9.18 -8.23 -15.08
N ALA A 116 8.09 -8.29 -14.30
CA ALA A 116 7.95 -9.21 -13.17
C ALA A 116 7.22 -10.48 -13.63
N GLY A 117 7.94 -11.58 -13.70
CA GLY A 117 7.39 -12.84 -14.17
C GLY A 117 7.17 -13.85 -13.07
N ASP A 118 7.96 -13.80 -12.01
CA ASP A 118 7.77 -14.74 -10.93
C ASP A 118 6.59 -14.30 -10.08
N ALA A 119 5.87 -15.28 -9.53
CA ALA A 119 4.69 -14.95 -8.75
C ALA A 119 5.02 -13.98 -7.61
N GLU A 120 6.16 -14.19 -6.94
CA GLU A 120 6.45 -13.38 -5.77
C GLU A 120 6.64 -11.92 -6.14
N SER A 121 7.29 -11.66 -7.26
CA SER A 121 7.49 -10.28 -7.65
C SER A 121 6.21 -9.69 -8.23
N ARG A 122 5.52 -10.44 -9.09
CA ARG A 122 4.34 -9.91 -9.74
C ARG A 122 3.23 -9.60 -8.73
N VAL A 123 2.99 -10.52 -7.81
CA VAL A 123 1.98 -10.28 -6.78
C VAL A 123 2.36 -9.09 -5.93
N PHE A 124 3.64 -8.99 -5.55
CA PHE A 124 4.11 -7.88 -4.73
C PHE A 124 3.78 -6.55 -5.40
N TYR A 125 4.12 -6.42 -6.69
CA TYR A 125 3.92 -5.15 -7.39
C TYR A 125 2.45 -4.85 -7.64
N LEU A 126 1.66 -5.88 -7.96
CA LEU A 126 0.23 -5.64 -8.17
C LEU A 126 -0.46 -5.27 -6.85
N LYS A 127 -0.04 -5.87 -5.74
CA LYS A 127 -0.53 -5.44 -4.43
C LYS A 127 -0.18 -3.98 -4.19
N MET A 128 1.06 -3.59 -4.49
CA MET A 128 1.44 -2.19 -4.34
C MET A 128 0.56 -1.29 -5.22
N LYS A 129 0.29 -1.72 -6.46
CA LYS A 129 -0.56 -0.93 -7.33
C LYS A 129 -1.94 -0.73 -6.70
N GLY A 130 -2.51 -1.81 -6.15
CA GLY A 130 -3.78 -1.68 -5.45
C GLY A 130 -3.71 -0.74 -4.27
N ASP A 131 -2.65 -0.85 -3.47
CA ASP A 131 -2.50 0.01 -2.29
C ASP A 131 -2.46 1.48 -2.68
N TYR A 132 -1.66 1.84 -3.70
CA TYR A 132 -1.50 3.26 -4.00
C TYR A 132 -2.72 3.82 -4.71
N TYR A 133 -3.43 3.02 -5.49
CA TYR A 133 -4.75 3.46 -5.94
C TYR A 133 -5.73 3.60 -4.76
N ARG A 134 -5.64 2.70 -3.78
CA ARG A 134 -6.47 2.84 -2.58
C ARG A 134 -6.20 4.16 -1.86
N TYR A 135 -4.94 4.53 -1.71
CA TYR A 135 -4.62 5.81 -1.07
C TYR A 135 -5.17 6.98 -1.88
N LEU A 136 -5.10 6.90 -3.21
CA LEU A 136 -5.73 7.93 -4.03
C LEU A 136 -7.24 7.95 -3.82
N ALA A 137 -7.85 6.77 -3.66
CA ALA A 137 -9.30 6.71 -3.47
C ALA A 137 -9.71 7.35 -2.15
N GLU A 138 -8.87 7.25 -1.12
CA GLU A 138 -9.21 7.80 0.18
C GLU A 138 -9.45 9.30 0.12
N VAL A 139 -8.81 10.00 -0.82
CA VAL A 139 -8.90 11.45 -0.92
C VAL A 139 -9.70 11.90 -2.14
N ALA A 140 -10.17 10.98 -2.97
CA ALA A 140 -10.88 11.33 -4.19
C ALA A 140 -12.32 11.69 -3.89
N THR A 141 -12.83 12.68 -4.64
CA THR A 141 -14.19 13.16 -4.48
C THR A 141 -14.87 13.51 -5.79
N GLY A 142 -14.14 13.56 -6.90
CA GLY A 142 -14.67 14.05 -8.16
C GLY A 142 -15.12 12.95 -9.08
N ASP A 143 -15.16 13.28 -10.38
CA ASP A 143 -15.63 12.33 -11.38
C ASP A 143 -14.87 11.02 -11.31
N ASP A 144 -13.54 11.10 -11.20
CA ASP A 144 -12.71 9.92 -11.35
C ASP A 144 -12.70 9.01 -10.12
N LYS A 145 -13.42 9.31 -9.04
CA LYS A 145 -13.36 8.46 -7.84
C LYS A 145 -13.75 7.02 -8.15
N LYS A 146 -14.81 6.81 -8.93
CA LYS A 146 -15.20 5.46 -9.29
C LYS A 146 -14.11 4.76 -10.08
N ARG A 147 -13.47 5.47 -11.01
CA ARG A 147 -12.43 4.87 -11.83
C ARG A 147 -11.20 4.55 -10.98
N ILE A 148 -10.87 5.41 -10.00
CA ILE A 148 -9.75 5.13 -9.10
C ILE A 148 -10.03 3.88 -8.29
N ILE A 149 -11.23 3.79 -7.72
CA ILE A 149 -11.63 2.61 -6.97
C ILE A 149 -11.54 1.36 -7.85
N ASP A 150 -12.00 1.46 -9.10
CA ASP A 150 -11.94 0.27 -9.95
C ASP A 150 -10.51 -0.10 -10.30
N SER A 151 -9.62 0.87 -10.44
CA SER A 151 -8.22 0.56 -10.67
C SER A 151 -7.61 -0.18 -9.49
N ALA A 152 -7.92 0.26 -8.27
CA ALA A 152 -7.43 -0.47 -7.09
C ALA A 152 -7.98 -1.89 -7.07
N ARG A 153 -9.29 -2.02 -7.27
N ARG A 153 -9.29 -2.03 -7.29
CA ARG A 153 -9.92 -3.33 -7.27
CA ARG A 153 -9.91 -3.34 -7.26
C ARG A 153 -9.25 -4.25 -8.29
C ARG A 153 -9.29 -4.26 -8.30
N SER A 154 -9.06 -3.76 -9.51
CA SER A 154 -8.54 -4.59 -10.59
C SER A 154 -7.13 -5.06 -10.28
N ALA A 155 -6.29 -4.19 -9.73
CA ALA A 155 -4.93 -4.59 -9.38
C ALA A 155 -4.94 -5.64 -8.27
N TYR A 156 -5.70 -5.39 -7.22
CA TYR A 156 -5.82 -6.37 -6.14
C TYR A 156 -6.34 -7.71 -6.67
N GLN A 157 -7.34 -7.68 -7.55
CA GLN A 157 -7.94 -8.91 -8.05
C GLN A 157 -6.93 -9.71 -8.87
N GLU A 158 -6.16 -9.05 -9.74
CA GLU A 158 -5.15 -9.78 -10.49
C GLU A 158 -4.12 -10.39 -9.55
N ALA A 159 -3.73 -9.64 -8.53
CA ALA A 159 -2.77 -10.16 -7.55
C ALA A 159 -3.34 -11.37 -6.81
N MET A 160 -4.63 -11.30 -6.43
CA MET A 160 -5.27 -12.40 -5.74
C MET A 160 -5.31 -13.63 -6.62
N ASP A 161 -5.64 -13.46 -7.90
CA ASP A 161 -5.76 -14.60 -8.80
C ASP A 161 -4.42 -15.31 -8.93
N ILE A 162 -3.33 -14.56 -9.09
CA ILE A 162 -2.01 -15.17 -9.19
C ILE A 162 -1.64 -15.84 -7.87
N SER A 163 -1.86 -15.13 -6.77
CA SER A 163 -1.43 -15.64 -5.47
C SER A 163 -2.13 -16.95 -5.12
N LYS A 164 -3.41 -17.07 -5.47
CA LYS A 164 -4.13 -18.29 -5.15
C LYS A 164 -3.64 -19.46 -5.99
N LYS A 165 -3.22 -19.21 -7.23
N LYS A 165 -3.19 -19.20 -7.22
CA LYS A 165 -2.71 -20.29 -8.07
CA LYS A 165 -2.72 -20.23 -8.13
C LYS A 165 -1.29 -20.68 -7.70
C LYS A 165 -1.26 -20.60 -7.92
N GLU A 166 -0.44 -19.70 -7.37
CA GLU A 166 0.99 -19.90 -7.35
C GLU A 166 1.64 -19.91 -5.97
N MET A 167 0.93 -19.54 -4.91
CA MET A 167 1.53 -19.43 -3.60
C MET A 167 0.74 -20.21 -2.58
N PRO A 168 1.39 -20.74 -1.55
CA PRO A 168 0.64 -21.41 -0.48
C PRO A 168 -0.16 -20.41 0.33
N PRO A 169 -1.21 -20.86 1.01
CA PRO A 169 -2.07 -19.92 1.74
C PRO A 169 -1.39 -19.25 2.92
N THR A 170 -0.23 -19.72 3.36
CA THR A 170 0.53 -19.07 4.43
C THR A 170 1.57 -18.08 3.94
N ASN A 171 1.76 -17.96 2.63
CA ASN A 171 2.81 -17.09 2.13
C ASN A 171 2.56 -15.66 2.63
N PRO A 172 3.55 -14.99 3.24
CA PRO A 172 3.28 -13.67 3.82
C PRO A 172 2.84 -12.62 2.81
N ILE A 173 3.30 -12.70 1.56
CA ILE A 173 2.84 -11.76 0.54
C ILE A 173 1.37 -11.98 0.25
N ARG A 174 0.98 -13.25 0.07
CA ARG A 174 -0.42 -13.56 -0.14
C ARG A 174 -1.26 -13.09 1.04
N LEU A 175 -0.79 -13.31 2.27
CA LEU A 175 -1.56 -12.90 3.43
C LEU A 175 -1.70 -11.38 3.51
N GLY A 176 -0.62 -10.65 3.27
CA GLY A 176 -0.68 -9.19 3.33
C GLY A 176 -1.55 -8.61 2.22
N LEU A 177 -1.53 -9.25 1.05
CA LEU A 177 -2.43 -8.87 -0.03
C LEU A 177 -3.88 -9.04 0.39
N ALA A 178 -4.21 -10.21 0.95
CA ALA A 178 -5.59 -10.44 1.37
C ALA A 178 -5.99 -9.47 2.46
N LEU A 179 -5.10 -9.21 3.41
CA LEU A 179 -5.36 -8.23 4.45
C LEU A 179 -5.73 -6.89 3.84
N ASN A 180 -4.91 -6.41 2.91
CA ASN A 180 -5.13 -5.06 2.35
C ASN A 180 -6.34 -5.03 1.43
N PHE A 181 -6.60 -6.10 0.68
CA PHE A 181 -7.80 -6.13 -0.15
C PHE A 181 -9.05 -6.15 0.72
N SER A 182 -8.99 -6.85 1.86
N SER A 182 -8.98 -6.86 1.85
CA SER A 182 -10.13 -6.83 2.78
CA SER A 182 -10.08 -6.85 2.80
C SER A 182 -10.35 -5.42 3.32
C SER A 182 -10.33 -5.44 3.33
N VAL A 183 -9.27 -4.70 3.64
CA VAL A 183 -9.42 -3.30 4.06
C VAL A 183 -10.02 -2.45 2.95
N PHE A 184 -9.57 -2.66 1.71
CA PHE A 184 -10.20 -2.00 0.57
C PHE A 184 -11.71 -2.24 0.56
N HIS A 185 -12.12 -3.49 0.72
CA HIS A 185 -13.56 -3.78 0.70
C HIS A 185 -14.29 -3.03 1.80
N TYR A 186 -13.71 -3.02 3.00
CA TYR A 186 -14.38 -2.44 4.16
C TYR A 186 -14.42 -0.92 4.09
N GLU A 187 -13.29 -0.31 3.78
CA GLU A 187 -13.09 1.16 3.91
C GLU A 187 -13.36 1.92 2.62
N ILE A 188 -13.19 1.31 1.48
CA ILE A 188 -13.27 2.01 0.21
C ILE A 188 -14.51 1.63 -0.57
N ALA A 189 -14.76 0.33 -0.70
CA ALA A 189 -15.79 -0.18 -1.60
C ALA A 189 -17.13 -0.37 -0.92
N ASN A 190 -17.27 0.01 0.35
CA ASN A 190 -18.55 -0.11 1.04
C ASN A 190 -19.08 -1.53 1.00
N SER A 191 -18.17 -2.49 1.20
CA SER A 191 -18.49 -3.92 1.13
C SER A 191 -17.99 -4.63 2.37
N PRO A 192 -18.52 -4.28 3.55
CA PRO A 192 -18.03 -4.91 4.79
C PRO A 192 -18.21 -6.42 4.82
N GLU A 193 -19.28 -6.95 4.22
CA GLU A 193 -19.44 -8.40 4.23
C GLU A 193 -18.36 -9.08 3.39
N GLU A 194 -17.99 -8.49 2.26
CA GLU A 194 -16.90 -9.04 1.45
C GLU A 194 -15.59 -8.98 2.22
N ALA A 195 -15.36 -7.87 2.93
CA ALA A 195 -14.15 -7.72 3.72
C ALA A 195 -14.05 -8.82 4.78
N ILE A 196 -15.15 -9.05 5.49
CA ILE A 196 -15.18 -10.06 6.55
C ILE A 196 -14.99 -11.46 5.96
N SER A 197 -15.71 -11.77 4.87
N SER A 197 -15.71 -11.76 4.88
CA SER A 197 -15.57 -13.09 4.27
CA SER A 197 -15.58 -13.08 4.27
C SER A 197 -14.14 -13.34 3.81
C SER A 197 -14.16 -13.34 3.80
N LEU A 198 -13.53 -12.35 3.17
CA LEU A 198 -12.16 -12.53 2.70
C LEU A 198 -11.20 -12.73 3.87
N ALA A 199 -11.33 -11.92 4.92
CA ALA A 199 -10.41 -12.07 6.04
C ALA A 199 -10.58 -13.42 6.71
N LYS A 200 -11.81 -13.87 6.87
CA LYS A 200 -12.10 -15.15 7.53
C LYS A 200 -11.56 -16.32 6.71
N THR A 201 -11.86 -16.35 5.42
N THR A 201 -11.86 -16.36 5.41
CA THR A 201 -11.40 -17.45 4.58
CA THR A 201 -11.39 -17.48 4.61
C THR A 201 -9.88 -17.47 4.52
C THR A 201 -9.87 -17.48 4.49
N THR A 202 -9.26 -16.29 4.40
CA THR A 202 -7.80 -16.23 4.35
C THR A 202 -7.20 -16.78 5.65
N PHE A 203 -7.73 -16.34 6.78
CA PHE A 203 -7.24 -16.81 8.07
C PHE A 203 -7.37 -18.32 8.18
N ASP A 204 -8.55 -18.85 7.84
CA ASP A 204 -8.80 -20.28 8.03
C ASP A 204 -7.94 -21.13 7.10
N GLU A 205 -7.74 -20.70 5.86
CA GLU A 205 -6.90 -21.47 4.95
C GLU A 205 -5.44 -21.42 5.36
N ALA A 206 -4.98 -20.30 5.90
CA ALA A 206 -3.63 -20.24 6.43
C ALA A 206 -3.48 -21.15 7.63
N MET A 207 -4.44 -21.10 8.56
CA MET A 207 -4.37 -21.95 9.74
C MET A 207 -4.13 -23.40 9.37
N ALA A 208 -4.86 -23.87 8.37
CA ALA A 208 -4.79 -25.27 7.94
C ALA A 208 -3.45 -25.64 7.30
N ASP A 209 -2.63 -24.68 6.91
CA ASP A 209 -1.36 -24.90 6.24
C ASP A 209 -0.16 -24.64 7.16
N LEU A 210 -0.40 -24.16 8.39
CA LEU A 210 0.71 -23.85 9.29
C LEU A 210 1.56 -25.07 9.59
N HIS A 211 0.97 -26.26 9.58
CA HIS A 211 1.69 -27.47 9.95
C HIS A 211 2.85 -27.77 9.01
N THR A 212 2.87 -27.17 7.81
CA THR A 212 3.90 -27.42 6.83
C THR A 212 5.15 -26.57 7.05
N LEU A 213 5.10 -25.61 7.98
CA LEU A 213 6.09 -24.55 8.06
C LEU A 213 7.13 -24.80 9.14
N SER A 214 8.31 -24.27 8.89
CA SER A 214 9.36 -24.17 9.90
C SER A 214 8.96 -23.19 10.99
N GLU A 215 9.71 -23.19 12.09
CA GLU A 215 9.43 -22.27 13.18
C GLU A 215 9.47 -20.82 12.70
N ASP A 216 10.48 -20.47 11.91
CA ASP A 216 10.60 -19.09 11.46
C ASP A 216 9.48 -18.69 10.51
N SER A 217 9.12 -19.56 9.57
CA SER A 217 8.01 -19.26 8.67
C SER A 217 6.69 -19.18 9.42
N TYR A 218 6.50 -20.07 10.40
CA TYR A 218 5.32 -20.02 11.24
C TYR A 218 5.18 -18.67 11.93
N LYS A 219 6.29 -18.14 12.46
CA LYS A 219 6.25 -16.82 13.07
C LYS A 219 5.84 -15.76 12.06
N ASP A 220 6.42 -15.78 10.86
CA ASP A 220 6.10 -14.79 9.83
C ASP A 220 4.61 -14.83 9.47
N SER A 221 4.09 -16.04 9.24
CA SER A 221 2.70 -16.17 8.81
C SER A 221 1.73 -15.81 9.92
N THR A 222 1.99 -16.29 11.13
CA THR A 222 1.03 -16.05 12.21
C THR A 222 0.98 -14.58 12.59
N LEU A 223 2.08 -13.84 12.42
CA LEU A 223 2.04 -12.39 12.65
C LEU A 223 0.97 -11.74 11.79
N ILE A 224 0.92 -12.08 10.51
CA ILE A 224 -0.06 -11.45 9.63
C ILE A 224 -1.44 -12.01 9.88
N MET A 225 -1.54 -13.30 10.20
CA MET A 225 -2.83 -13.85 10.58
C MET A 225 -3.43 -13.10 11.75
N GLN A 226 -2.61 -12.69 12.71
CA GLN A 226 -3.14 -11.94 13.84
C GLN A 226 -3.72 -10.61 13.39
N LEU A 227 -3.14 -9.98 12.35
CA LEU A 227 -3.71 -8.74 11.85
C LEU A 227 -5.08 -8.99 11.22
N LEU A 228 -5.24 -10.09 10.49
CA LEU A 228 -6.56 -10.46 9.97
C LEU A 228 -7.54 -10.62 11.12
N ARG A 229 -7.14 -11.34 12.17
CA ARG A 229 -8.00 -11.56 13.33
C ARG A 229 -8.35 -10.25 14.02
N ASP A 230 -7.37 -9.33 14.15
CA ASP A 230 -7.66 -8.04 14.76
C ASP A 230 -8.74 -7.29 14.01
N ASN A 231 -8.67 -7.32 12.67
CA ASN A 231 -9.71 -6.65 11.88
C ASN A 231 -11.05 -7.33 12.04
N LEU A 232 -11.07 -8.66 12.02
CA LEU A 232 -12.32 -9.38 12.22
C LEU A 232 -12.94 -9.03 13.57
N THR A 233 -12.11 -8.91 14.61
CA THR A 233 -12.63 -8.55 15.93
C THR A 233 -13.23 -7.15 15.93
N LEU A 234 -12.61 -6.23 15.20
CA LEU A 234 -13.12 -4.87 15.11
C LEU A 234 -14.41 -4.82 14.30
N TRP A 235 -14.51 -5.65 13.27
CA TRP A 235 -15.59 -5.55 12.29
C TRP A 235 -16.81 -6.40 12.65
N THR A 236 -16.69 -7.30 13.62
CA THR A 236 -17.79 -8.18 13.99
C THR A 236 -18.03 -8.13 15.50
N LEU B 6 -7.33 -1.60 9.19
CA LEU B 6 -5.94 -1.92 9.60
C LEU B 6 -5.21 -2.79 8.55
N GLU B 8 -1.41 -3.84 6.27
CA GLU B 8 0.03 -4.28 6.25
C GLU B 8 0.14 -5.60 5.47
#